data_7M3P
#
_entry.id   7M3P
#
_cell.length_a   38.131
_cell.length_b   52.168
_cell.length_c   55.916
_cell.angle_alpha   100.804
_cell.angle_beta   94.148
_cell.angle_gamma   112.831
#
_symmetry.space_group_name_H-M   'P 1'
#
loop_
_entity.id
_entity.type
_entity.pdbx_description
1 polymer Xrcc4-Spc110p(164-207)
2 water water
#
_entity_poly.entity_id   1
_entity_poly.type   'polypeptide(L)'
_entity_poly.pdbx_seq_one_letter_code
;GPGSGGSGERKISRIHLVSEPSITHFLQVSWEKTLESGFVITLTDGHSAWTGTVSESEISQEADDMAMEKGKYVGELRKA
LLSGAGPADVYTFNFSKESCYFFFEKNLKDVSFRLGSFNLEKVENPAEVIRELICYCLDEIKSLKHEIKELRKEKNDTLN
NYDTLEEETDDLKNRLQALEKEL
;
_entity_poly.pdbx_strand_id   A,B
#
# COMPACT_ATOMS: atom_id res chain seq x y z
N GLY A 8 2.08 13.02 12.35
CA GLY A 8 0.97 13.70 11.60
C GLY A 8 0.32 12.81 10.57
N GLU A 9 -0.58 13.39 9.77
CA GLU A 9 -1.30 12.65 8.75
C GLU A 9 -0.93 13.15 7.36
N ARG A 10 -1.26 12.35 6.35
CA ARG A 10 -1.00 12.73 4.99
C ARG A 10 -2.02 12.07 4.07
N LYS A 11 -2.06 12.58 2.85
CA LYS A 11 -2.85 12.01 1.78
C LYS A 11 -2.03 12.08 0.51
N ILE A 12 -1.92 10.95 -0.18
CA ILE A 12 -1.18 10.85 -1.44
C ILE A 12 -2.22 10.66 -2.54
N SER A 13 -2.18 11.52 -3.55
CA SER A 13 -3.13 11.47 -4.65
C SER A 13 -2.39 11.41 -5.97
N ARG A 14 -2.99 10.73 -6.94
CA ARG A 14 -2.49 10.72 -8.29
C ARG A 14 -3.16 11.84 -9.08
N ILE A 15 -2.35 12.64 -9.79
CA ILE A 15 -2.87 13.70 -10.64
C ILE A 15 -2.16 13.67 -11.97
N HIS A 16 -2.80 14.28 -12.96
CA HIS A 16 -2.17 14.57 -14.24
C HIS A 16 -2.07 16.08 -14.42
N LEU A 17 -0.95 16.52 -15.02
CA LEU A 17 -0.70 17.93 -15.25
C LEU A 17 -1.15 18.31 -16.66
N VAL A 18 -1.73 19.51 -16.78
CA VAL A 18 -2.17 19.98 -18.09
C VAL A 18 -1.01 19.93 -19.08
N SER A 19 0.19 20.29 -18.63
CA SER A 19 1.34 20.40 -19.52
C SER A 19 2.12 19.10 -19.69
N GLU A 20 1.76 18.05 -18.97
CA GLU A 20 2.40 16.73 -19.12
C GLU A 20 1.34 15.65 -18.98
N PRO A 21 0.37 15.60 -19.90
CA PRO A 21 -0.80 14.74 -19.69
C PRO A 21 -0.49 13.25 -19.62
N SER A 22 0.62 12.79 -20.22
CA SER A 22 0.87 11.34 -20.25
C SER A 22 1.35 10.77 -18.92
N ILE A 23 2.09 11.54 -18.14
CA ILE A 23 2.81 11.02 -16.98
C ILE A 23 1.95 11.20 -15.73
N THR A 24 1.94 10.19 -14.87
CA THR A 24 1.28 10.32 -13.58
C THR A 24 2.21 11.04 -12.62
N HIS A 25 1.70 12.09 -11.98
CA HIS A 25 2.37 12.75 -10.88
C HIS A 25 1.66 12.38 -9.58
N PHE A 26 2.39 12.52 -8.48
CA PHE A 26 1.86 12.22 -7.16
C PHE A 26 1.89 13.51 -6.35
N LEU A 27 0.77 13.80 -5.71
CA LEU A 27 0.64 14.93 -4.81
C LEU A 27 0.54 14.39 -3.39
N GLN A 28 1.48 14.78 -2.55
CA GLN A 28 1.52 14.37 -1.15
C GLN A 28 1.30 15.60 -0.29
N VAL A 29 0.17 15.65 0.40
CA VAL A 29 -0.16 16.73 1.32
C VAL A 29 -0.15 16.17 2.72
N SER A 30 0.53 16.85 3.63
CA SER A 30 0.64 16.41 5.00
C SER A 30 0.43 17.60 5.93
N TRP A 31 -0.01 17.30 7.14
CA TRP A 31 -0.25 18.34 8.12
C TRP A 31 0.03 17.79 9.50
N GLU A 32 0.64 18.62 10.35
CA GLU A 32 0.96 18.21 11.71
C GLU A 32 -0.29 18.17 12.56
N LYS A 33 -1.02 19.29 12.63
CA LYS A 33 -2.25 19.37 13.40
C LYS A 33 -3.46 19.15 12.49
N THR A 34 -3.80 20.16 11.70
CA THR A 34 -4.90 20.09 10.77
C THR A 34 -4.53 20.89 9.53
N LEU A 35 -5.21 20.59 8.44
CA LEU A 35 -4.95 21.27 7.18
C LEU A 35 -5.09 22.78 7.34
N GLU A 36 -6.13 23.22 8.07
CA GLU A 36 -6.37 24.64 8.24
C GLU A 36 -5.28 25.33 9.05
N SER A 37 -4.47 24.59 9.80
CA SER A 37 -3.44 25.20 10.63
C SER A 37 -2.06 25.09 10.01
N GLY A 38 -1.98 24.76 8.73
CA GLY A 38 -0.70 24.67 8.04
C GLY A 38 -0.45 23.29 7.48
N PHE A 39 0.07 23.21 6.27
CA PHE A 39 0.32 21.92 5.65
C PHE A 39 1.56 22.03 4.77
N VAL A 40 2.03 20.87 4.32
CA VAL A 40 3.15 20.73 3.41
C VAL A 40 2.64 20.01 2.17
N ILE A 41 2.97 20.54 0.99
CA ILE A 41 2.48 20.02 -0.28
C ILE A 41 3.67 19.66 -1.15
N THR A 42 3.74 18.40 -1.57
CA THR A 42 4.85 17.89 -2.35
C THR A 42 4.34 17.26 -3.63
N LEU A 43 4.99 17.58 -4.74
CA LEU A 43 4.65 17.07 -6.06
C LEU A 43 5.87 16.31 -6.57
N THR A 44 5.65 15.11 -7.13
CA THR A 44 6.76 14.32 -7.61
C THR A 44 6.33 13.48 -8.80
N ASP A 45 7.25 13.34 -9.77
CA ASP A 45 7.06 12.46 -10.91
C ASP A 45 7.83 11.14 -10.75
N GLY A 46 8.31 10.82 -9.55
CA GLY A 46 9.16 9.66 -9.38
C GLY A 46 10.60 9.89 -9.77
N HIS A 47 10.98 11.12 -10.09
CA HIS A 47 12.36 11.47 -10.37
C HIS A 47 12.75 12.73 -9.61
N SER A 48 12.05 13.83 -9.86
CA SER A 48 12.22 15.06 -9.10
C SER A 48 11.05 15.26 -8.16
N ALA A 49 11.22 16.18 -7.23
CA ALA A 49 10.13 16.52 -6.32
C ALA A 49 10.18 18.01 -6.01
N TRP A 50 9.00 18.61 -5.85
CA TRP A 50 8.89 20.00 -5.46
C TRP A 50 8.03 20.08 -4.22
N THR A 51 8.43 20.90 -3.25
CA THR A 51 7.73 21.00 -1.98
C THR A 51 7.51 22.45 -1.60
N GLY A 52 6.38 22.72 -0.95
CA GLY A 52 6.08 24.02 -0.41
C GLY A 52 5.41 23.90 0.94
N THR A 53 5.71 24.82 1.84
CA THR A 53 5.08 24.88 3.15
C THR A 53 4.05 26.00 3.14
N VAL A 54 2.85 25.70 3.60
CA VAL A 54 1.76 26.66 3.61
C VAL A 54 1.36 26.88 5.06
N SER A 55 1.62 28.08 5.56
CA SER A 55 1.32 28.39 6.95
C SER A 55 -0.16 28.73 7.13
N GLU A 56 -0.57 28.74 8.40
CA GLU A 56 -1.94 29.08 8.75
C GLU A 56 -2.32 30.46 8.23
N SER A 57 -1.42 31.44 8.40
CA SER A 57 -1.70 32.80 7.94
C SER A 57 -1.67 32.90 6.42
N GLU A 58 -0.88 32.06 5.74
CA GLU A 58 -0.87 32.09 4.28
C GLU A 58 -2.19 31.59 3.71
N ILE A 59 -2.83 30.63 4.39
CA ILE A 59 -4.15 30.17 3.96
C ILE A 59 -5.18 31.29 4.11
N SER A 60 -5.17 31.97 5.25
CA SER A 60 -6.13 33.06 5.45
C SER A 60 -5.87 34.20 4.49
N GLN A 61 -4.59 34.48 4.19
CA GLN A 61 -4.28 35.53 3.23
C GLN A 61 -4.69 35.15 1.82
N GLU A 62 -4.51 33.89 1.44
CA GLU A 62 -4.93 33.45 0.12
C GLU A 62 -6.44 33.53 -0.01
N ALA A 63 -7.18 33.09 1.01
CA ALA A 63 -8.62 33.20 0.96
C ALA A 63 -9.05 34.66 0.80
N ASP A 64 -8.42 35.57 1.56
CA ASP A 64 -8.74 37.00 1.42
C ASP A 64 -8.41 37.53 0.03
N ASP A 65 -7.22 37.21 -0.50
CA ASP A 65 -6.87 37.67 -1.84
C ASP A 65 -7.88 37.17 -2.87
N MET A 66 -8.48 35.99 -2.64
CA MET A 66 -9.48 35.41 -3.53
C MET A 66 -10.89 35.91 -3.23
N ALA A 67 -11.07 36.75 -2.23
CA ALA A 67 -12.39 37.24 -1.84
C ALA A 67 -13.32 36.06 -1.57
N MET A 68 -12.78 35.02 -0.94
CA MET A 68 -13.52 33.82 -0.62
C MET A 68 -13.54 33.62 0.89
N GLU A 69 -14.69 33.18 1.40
CA GLU A 69 -14.81 32.83 2.81
C GLU A 69 -13.84 31.70 3.14
N LYS A 70 -13.14 31.85 4.28
CA LYS A 70 -12.02 30.96 4.60
C LYS A 70 -12.45 29.51 4.62
N GLY A 71 -13.57 29.20 5.29
CA GLY A 71 -14.07 27.84 5.30
C GLY A 71 -14.28 27.27 3.91
N LYS A 72 -14.81 28.07 3.00
CA LYS A 72 -15.02 27.59 1.63
C LYS A 72 -13.70 27.36 0.93
N TYR A 73 -12.77 28.29 1.07
CA TYR A 73 -11.44 28.11 0.50
C TYR A 73 -10.81 26.83 1.01
N VAL A 74 -10.85 26.61 2.33
CA VAL A 74 -10.29 25.39 2.91
C VAL A 74 -11.03 24.16 2.37
N GLY A 75 -12.36 24.24 2.30
CA GLY A 75 -13.12 23.13 1.74
C GLY A 75 -12.66 22.78 0.33
N GLU A 76 -12.36 23.80 -0.47
CA GLU A 76 -11.91 23.54 -1.84
C GLU A 76 -10.52 22.92 -1.84
N LEU A 77 -9.62 23.43 -1.00
CA LEU A 77 -8.30 22.81 -0.87
C LEU A 77 -8.43 21.33 -0.57
N ARG A 78 -9.31 20.97 0.35
CA ARG A 78 -9.48 19.56 0.72
C ARG A 78 -9.92 18.74 -0.47
N LYS A 79 -10.99 19.18 -1.16
CA LYS A 79 -11.51 18.42 -2.29
C LYS A 79 -10.47 18.27 -3.39
N ALA A 80 -9.67 19.31 -3.63
CA ALA A 80 -8.73 19.29 -4.75
C ALA A 80 -7.40 18.64 -4.39
N LEU A 81 -6.84 18.98 -3.22
CA LEU A 81 -5.50 18.52 -2.88
C LEU A 81 -5.49 17.16 -2.18
N LEU A 82 -6.59 16.81 -1.50
CA LEU A 82 -6.69 15.54 -0.84
C LEU A 82 -7.49 14.50 -1.63
N SER A 83 -8.32 14.96 -2.57
CA SER A 83 -9.16 14.07 -3.37
C SER A 83 -9.97 13.12 -2.49
N VAL A 90 -14.90 18.89 -10.84
CA VAL A 90 -13.67 18.49 -11.52
C VAL A 90 -12.60 19.56 -11.36
N TYR A 91 -11.41 19.14 -10.96
CA TYR A 91 -10.29 20.04 -10.70
C TYR A 91 -9.15 19.74 -11.65
N THR A 92 -8.54 20.79 -12.17
CA THR A 92 -7.39 20.69 -13.07
C THR A 92 -6.15 21.15 -12.33
N PHE A 93 -5.02 20.55 -12.66
CA PHE A 93 -3.77 20.84 -11.98
C PHE A 93 -2.75 21.34 -12.99
N ASN A 94 -2.04 22.40 -12.63
CA ASN A 94 -1.06 23.03 -13.49
C ASN A 94 0.27 23.14 -12.76
N PHE A 95 1.34 22.83 -13.48
CA PHE A 95 2.68 22.96 -12.94
C PHE A 95 3.65 23.04 -14.09
N SER A 96 4.62 23.94 -13.97
CA SER A 96 5.69 24.05 -14.95
C SER A 96 7.01 23.91 -14.22
N LYS A 97 7.85 23.00 -14.72
CA LYS A 97 9.14 22.74 -14.10
C LYS A 97 10.13 23.89 -14.33
N GLU A 98 9.75 24.89 -15.12
CA GLU A 98 10.57 26.08 -15.29
C GLU A 98 10.20 27.17 -14.30
N SER A 99 8.93 27.31 -13.96
CA SER A 99 8.46 28.33 -13.03
C SER A 99 8.28 27.81 -11.61
N CYS A 100 8.20 26.49 -11.44
CA CYS A 100 8.00 25.87 -10.12
C CYS A 100 6.76 26.44 -9.44
N TYR A 101 5.74 26.72 -10.24
CA TYR A 101 4.52 27.39 -9.77
C TYR A 101 3.34 26.46 -10.02
N PHE A 102 2.66 26.08 -8.95
CA PHE A 102 1.60 25.08 -8.99
C PHE A 102 0.28 25.75 -8.69
N PHE A 103 -0.64 25.69 -9.64
CA PHE A 103 -1.99 26.20 -9.42
C PHE A 103 -2.99 25.20 -9.94
N PHE A 104 -4.13 25.12 -9.28
CA PHE A 104 -5.22 24.26 -9.73
C PHE A 104 -6.49 25.09 -9.85
N GLU A 105 -7.37 24.62 -10.72
CA GLU A 105 -8.59 25.34 -11.04
C GLU A 105 -9.80 24.42 -10.91
N LYS A 106 -10.92 25.04 -10.59
CA LYS A 106 -12.22 24.39 -10.63
C LYS A 106 -12.86 24.65 -11.99
N ASN A 107 -13.35 23.59 -12.63
CA ASN A 107 -13.93 23.69 -13.96
C ASN A 107 -15.40 23.32 -13.86
N LEU A 108 -16.28 24.32 -13.84
CA LEU A 108 -17.70 24.07 -14.01
C LEU A 108 -18.02 24.03 -15.51
N LYS A 109 -19.30 23.83 -15.83
CA LYS A 109 -19.69 23.71 -17.23
C LYS A 109 -19.39 25.01 -17.97
N ASP A 110 -18.50 24.93 -18.96
CA ASP A 110 -18.17 26.01 -19.87
C ASP A 110 -17.34 27.11 -19.21
N VAL A 111 -17.02 26.99 -17.93
CA VAL A 111 -16.30 28.04 -17.21
C VAL A 111 -15.41 27.39 -16.16
N SER A 112 -14.22 27.96 -15.96
CA SER A 112 -13.31 27.53 -14.90
C SER A 112 -12.77 28.76 -14.18
N PHE A 113 -12.15 28.53 -13.02
CA PHE A 113 -11.55 29.61 -12.26
C PHE A 113 -10.48 29.04 -11.33
N ARG A 114 -9.48 29.85 -11.04
CA ARG A 114 -8.35 29.39 -10.23
C ARG A 114 -8.74 29.29 -8.77
N LEU A 115 -8.39 28.17 -8.15
CA LEU A 115 -8.65 27.92 -6.72
C LEU A 115 -7.33 27.97 -5.97
N GLY A 116 -6.72 29.13 -5.94
CA GLY A 116 -5.47 29.25 -5.22
C GLY A 116 -4.32 28.58 -5.92
N SER A 117 -3.11 29.04 -5.59
CA SER A 117 -1.88 28.57 -6.17
C SER A 117 -0.81 28.53 -5.10
N PHE A 118 0.29 27.86 -5.42
CA PHE A 118 1.39 27.71 -4.50
C PHE A 118 2.67 27.66 -5.31
N ASN A 119 3.72 28.23 -4.76
CA ASN A 119 5.06 28.15 -5.33
C ASN A 119 5.80 27.03 -4.62
N LEU A 120 6.13 25.98 -5.36
CA LEU A 120 6.91 24.87 -4.82
C LEU A 120 8.38 25.07 -5.14
N GLU A 121 9.23 24.58 -4.26
CA GLU A 121 10.68 24.68 -4.43
C GLU A 121 11.23 23.29 -4.74
N LYS A 122 12.06 23.21 -5.77
CA LYS A 122 12.62 21.93 -6.15
C LYS A 122 13.45 21.36 -5.03
N VAL A 123 13.02 20.21 -4.51
CA VAL A 123 13.72 19.57 -3.40
C VAL A 123 15.15 19.20 -3.83
N GLU A 124 16.08 19.23 -2.87
CA GLU A 124 17.46 18.86 -3.15
C GLU A 124 17.68 17.36 -3.08
N ASN A 125 16.90 16.66 -2.24
CA ASN A 125 17.00 15.22 -2.03
C ASN A 125 15.76 14.50 -2.54
N PRO A 126 15.52 14.48 -3.84
CA PRO A 126 14.28 13.83 -4.33
C PRO A 126 14.19 12.37 -3.96
N ALA A 127 15.30 11.62 -4.06
CA ALA A 127 15.26 10.19 -3.79
C ALA A 127 14.80 9.91 -2.37
N GLU A 128 15.32 10.67 -1.40
CA GLU A 128 14.89 10.51 -0.01
C GLU A 128 13.39 10.71 0.11
N VAL A 129 12.85 11.74 -0.54
CA VAL A 129 11.42 12.00 -0.46
C VAL A 129 10.63 10.84 -1.07
N ILE A 130 11.12 10.30 -2.19
CA ILE A 130 10.41 9.23 -2.88
C ILE A 130 10.45 7.94 -2.07
N ARG A 131 11.61 7.62 -1.49
CA ARG A 131 11.71 6.45 -0.64
C ARG A 131 10.77 6.55 0.55
N GLU A 132 10.72 7.71 1.21
CA GLU A 132 9.85 7.88 2.36
C GLU A 132 8.39 7.69 1.98
N LEU A 133 8.02 8.17 0.79
CA LEU A 133 6.65 8.02 0.30
C LEU A 133 6.33 6.54 0.06
N ILE A 134 7.22 5.82 -0.60
CA ILE A 134 7.00 4.39 -0.83
C ILE A 134 6.92 3.65 0.50
N CYS A 135 7.84 3.95 1.43
CA CYS A 135 7.78 3.29 2.73
C CYS A 135 6.43 3.51 3.41
N TYR A 136 5.92 4.74 3.35
CA TYR A 136 4.60 5.00 3.91
C TYR A 136 3.55 4.09 3.29
N CYS A 137 3.54 3.97 1.96
CA CYS A 137 2.58 3.10 1.30
C CYS A 137 2.77 1.64 1.70
N LEU A 138 4.02 1.18 1.77
CA LEU A 138 4.25 -0.22 2.15
C LEU A 138 3.78 -0.48 3.58
N ASP A 139 3.99 0.49 4.47
CA ASP A 139 3.51 0.36 5.84
C ASP A 139 1.99 0.33 5.88
N GLU A 140 1.33 1.17 5.08
CA GLU A 140 -0.12 1.15 5.05
C GLU A 140 -0.64 -0.19 4.51
N ILE A 141 -0.02 -0.70 3.44
CA ILE A 141 -0.44 -2.00 2.91
C ILE A 141 -0.33 -3.08 3.99
N LYS A 142 0.79 -3.08 4.74
CA LYS A 142 0.96 -4.07 5.80
C LYS A 142 -0.12 -3.92 6.88
N SER A 143 -0.42 -2.69 7.29
CA SER A 143 -1.45 -2.49 8.31
C SER A 143 -2.82 -2.90 7.80
N LEU A 144 -3.11 -2.62 6.52
CA LEU A 144 -4.42 -2.99 5.98
C LEU A 144 -4.55 -4.49 5.85
N LYS A 145 -3.46 -5.17 5.48
CA LYS A 145 -3.50 -6.63 5.40
C LYS A 145 -3.69 -7.25 6.79
N HIS A 146 -3.07 -6.66 7.82
CA HIS A 146 -3.29 -7.11 9.18
C HIS A 146 -4.75 -6.94 9.59
N GLU A 147 -5.34 -5.80 9.23
CA GLU A 147 -6.73 -5.53 9.58
C GLU A 147 -7.66 -6.53 8.91
N ILE A 148 -7.41 -6.83 7.63
CA ILE A 148 -8.23 -7.79 6.90
C ILE A 148 -8.14 -9.16 7.56
N LYS A 149 -6.94 -9.56 7.95
CA LYS A 149 -6.73 -10.87 8.54
C LYS A 149 -7.48 -11.00 9.85
N GLU A 150 -7.47 -9.95 10.68
CA GLU A 150 -8.18 -9.97 11.95
C GLU A 150 -9.70 -9.98 11.73
N LEU A 151 -10.20 -9.14 10.83
CA LEU A 151 -11.63 -9.13 10.52
C LEU A 151 -12.10 -10.50 10.06
N ARG A 152 -11.38 -11.11 9.14
CA ARG A 152 -11.82 -12.39 8.60
C ARG A 152 -11.76 -13.48 9.67
N LYS A 153 -10.73 -13.44 10.53
CA LYS A 153 -10.66 -14.44 11.59
C LYS A 153 -11.80 -14.26 12.60
N GLU A 154 -12.09 -13.01 12.98
CA GLU A 154 -13.20 -12.78 13.90
C GLU A 154 -14.52 -13.27 13.30
N LYS A 155 -14.76 -13.00 12.02
CA LYS A 155 -15.94 -13.53 11.35
C LYS A 155 -15.95 -15.06 11.33
N ASN A 156 -14.82 -15.66 10.95
CA ASN A 156 -14.78 -17.11 10.84
C ASN A 156 -14.92 -17.80 12.20
N ASP A 157 -14.33 -17.21 13.23
CA ASP A 157 -14.47 -17.73 14.59
C ASP A 157 -15.94 -17.74 15.02
N THR A 158 -16.66 -16.64 14.77
CA THR A 158 -18.07 -16.59 15.09
C THR A 158 -18.88 -17.60 14.28
N LEU A 159 -18.56 -17.75 12.98
CA LEU A 159 -19.28 -18.74 12.17
C LEU A 159 -19.09 -20.14 12.73
N ASN A 160 -17.88 -20.47 13.18
CA ASN A 160 -17.66 -21.79 13.78
C ASN A 160 -18.48 -21.95 15.04
N ASN A 161 -18.51 -20.93 15.90
CA ASN A 161 -19.33 -21.00 17.10
C ASN A 161 -20.81 -21.12 16.72
N TYR A 162 -21.21 -20.46 15.64
CA TYR A 162 -22.58 -20.54 15.18
C TYR A 162 -22.93 -21.98 14.81
N ASP A 163 -22.09 -22.62 14.00
CA ASP A 163 -22.39 -23.97 13.55
C ASP A 163 -22.43 -24.93 14.73
N THR A 164 -21.52 -24.76 15.70
CA THR A 164 -21.54 -25.56 16.91
C THR A 164 -22.83 -25.35 17.69
N LEU A 165 -23.23 -24.10 17.90
CA LEU A 165 -24.46 -23.84 18.65
C LEU A 165 -25.66 -24.38 17.91
N GLU A 166 -25.64 -24.29 16.57
CA GLU A 166 -26.77 -24.75 15.77
C GLU A 166 -26.99 -26.25 15.90
N GLU A 167 -25.92 -27.03 16.13
CA GLU A 167 -26.12 -28.45 16.40
C GLU A 167 -27.02 -28.67 17.61
N GLU A 168 -26.80 -27.88 18.67
CA GLU A 168 -27.62 -27.98 19.86
C GLU A 168 -29.04 -27.47 19.60
N THR A 169 -29.15 -26.32 18.93
CA THR A 169 -30.47 -25.79 18.58
C THR A 169 -31.33 -26.86 17.91
N ASP A 170 -30.77 -27.56 16.93
CA ASP A 170 -31.53 -28.57 16.20
C ASP A 170 -31.93 -29.73 17.10
N ASP A 171 -31.04 -30.17 17.99
CA ASP A 171 -31.39 -31.24 18.91
C ASP A 171 -32.51 -30.82 19.84
N LEU A 172 -32.43 -29.59 20.36
CA LEU A 172 -33.48 -29.08 21.24
C LEU A 172 -34.81 -29.00 20.51
N LYS A 173 -34.79 -28.62 19.23
CA LYS A 173 -36.02 -28.64 18.44
C LYS A 173 -36.55 -30.06 18.31
N ASN A 174 -35.67 -31.03 18.07
CA ASN A 174 -36.13 -32.41 17.91
C ASN A 174 -36.74 -32.93 19.20
N ARG A 175 -36.08 -32.67 20.33
CA ARG A 175 -36.60 -33.08 21.63
C ARG A 175 -37.94 -32.43 21.92
N LEU A 176 -38.03 -31.12 21.70
CA LEU A 176 -39.27 -30.40 22.00
C LEU A 176 -40.41 -30.83 21.08
N GLN A 177 -40.12 -31.00 19.78
CA GLN A 177 -41.14 -31.48 18.86
C GLN A 177 -41.68 -32.83 19.30
N ALA A 178 -40.77 -33.75 19.65
CA ALA A 178 -41.21 -35.07 20.07
C ALA A 178 -42.04 -35.00 21.34
N LEU A 179 -41.66 -34.15 22.29
CA LEU A 179 -42.40 -34.06 23.55
C LEU A 179 -43.74 -33.37 23.37
N GLU A 180 -43.84 -32.40 22.47
CA GLU A 180 -45.08 -31.69 22.21
C GLU A 180 -45.88 -32.32 21.08
N LYS A 181 -45.66 -33.60 20.80
CA LYS A 181 -46.29 -34.26 19.67
C LYS A 181 -47.26 -35.34 20.15
N ARG B 10 3.10 -9.76 -7.69
CA ARG B 10 4.42 -9.29 -7.30
C ARG B 10 4.53 -9.16 -5.79
N LYS B 11 5.75 -8.88 -5.33
CA LYS B 11 6.02 -8.55 -3.93
C LYS B 11 7.10 -7.49 -3.91
N ILE B 12 6.86 -6.44 -3.14
CA ILE B 12 7.79 -5.33 -2.97
C ILE B 12 8.29 -5.42 -1.54
N SER B 13 9.60 -5.57 -1.38
CA SER B 13 10.21 -5.70 -0.06
C SER B 13 11.23 -4.59 0.13
N ARG B 14 11.28 -4.06 1.34
CA ARG B 14 12.34 -3.14 1.72
C ARG B 14 13.54 -3.95 2.17
N ILE B 15 14.72 -3.57 1.67
CA ILE B 15 15.95 -4.24 2.05
C ILE B 15 17.03 -3.20 2.25
N HIS B 16 18.09 -3.59 2.95
CA HIS B 16 19.30 -2.80 3.03
C HIS B 16 20.42 -3.59 2.37
N LEU B 17 21.20 -2.91 1.54
CA LEU B 17 22.40 -3.52 0.97
C LEU B 17 23.58 -3.30 1.89
N VAL B 18 24.54 -4.23 1.85
CA VAL B 18 25.75 -4.07 2.65
C VAL B 18 26.56 -2.86 2.19
N SER B 19 26.70 -2.70 0.87
CA SER B 19 27.49 -1.58 0.35
C SER B 19 26.83 -0.23 0.63
N GLU B 20 25.54 -0.20 0.97
CA GLU B 20 24.82 1.04 1.26
C GLU B 20 23.88 0.78 2.43
N PRO B 21 24.43 0.60 3.63
CA PRO B 21 23.57 0.27 4.78
C PRO B 21 22.74 1.44 5.26
N SER B 22 23.02 2.66 4.81
CA SER B 22 22.36 3.84 5.35
C SER B 22 20.93 3.97 4.84
N ILE B 23 20.68 3.62 3.58
CA ILE B 23 19.43 3.93 2.92
C ILE B 23 18.66 2.64 2.67
N THR B 24 17.36 2.79 2.43
CA THR B 24 16.49 1.68 2.11
C THR B 24 16.38 1.53 0.61
N HIS B 25 16.62 0.33 0.10
CA HIS B 25 16.28 -0.01 -1.28
C HIS B 25 14.98 -0.79 -1.31
N PHE B 26 14.38 -0.86 -2.49
CA PHE B 26 13.15 -1.62 -2.70
C PHE B 26 13.40 -2.72 -3.70
N LEU B 27 13.07 -3.95 -3.33
CA LEU B 27 13.25 -5.13 -4.16
C LEU B 27 11.86 -5.55 -4.62
N GLN B 28 11.62 -5.45 -5.92
CA GLN B 28 10.34 -5.79 -6.51
C GLN B 28 10.53 -7.06 -7.34
N VAL B 29 9.79 -8.11 -6.98
CA VAL B 29 9.89 -9.39 -7.67
C VAL B 29 8.51 -9.75 -8.18
N SER B 30 8.41 -10.06 -9.47
CA SER B 30 7.16 -10.47 -10.08
C SER B 30 7.37 -11.77 -10.85
N TRP B 31 6.29 -12.55 -10.93
CA TRP B 31 6.36 -13.90 -11.46
C TRP B 31 5.04 -14.35 -12.07
N THR B 34 4.00 -18.60 -9.52
CA THR B 34 5.12 -19.31 -8.93
C THR B 34 6.46 -18.79 -9.47
N LEU B 35 7.47 -18.77 -8.61
CA LEU B 35 8.80 -18.33 -9.00
C LEU B 35 9.55 -19.38 -9.81
N GLU B 36 9.14 -20.65 -9.70
CA GLU B 36 9.89 -21.73 -10.35
C GLU B 36 10.02 -21.51 -11.85
N SER B 37 9.08 -20.79 -12.45
CA SER B 37 9.07 -20.57 -13.89
C SER B 37 9.64 -19.20 -14.25
N GLY B 38 10.82 -18.87 -13.72
CA GLY B 38 11.46 -17.61 -14.06
C GLY B 38 10.69 -16.42 -13.51
N PHE B 39 11.37 -15.30 -13.37
CA PHE B 39 10.77 -14.13 -12.74
C PHE B 39 11.53 -12.89 -13.17
N VAL B 40 11.00 -11.73 -12.78
CA VAL B 40 11.63 -10.45 -13.01
C VAL B 40 11.95 -9.86 -11.65
N ILE B 41 13.19 -9.41 -11.48
CA ILE B 41 13.65 -8.85 -10.22
C ILE B 41 14.12 -7.42 -10.49
N THR B 42 13.61 -6.47 -9.70
CA THR B 42 13.91 -5.07 -9.86
C THR B 42 14.34 -4.49 -8.53
N LEU B 43 15.44 -3.73 -8.57
CA LEU B 43 15.96 -3.00 -7.44
C LEU B 43 15.90 -1.51 -7.74
N THR B 44 15.49 -0.72 -6.75
CA THR B 44 15.48 0.73 -6.93
C THR B 44 15.73 1.41 -5.58
N ASP B 45 16.35 2.58 -5.66
CA ASP B 45 16.61 3.44 -4.51
C ASP B 45 15.80 4.73 -4.57
N GLY B 46 14.75 4.76 -5.38
CA GLY B 46 13.96 5.96 -5.54
C GLY B 46 14.51 6.94 -6.55
N HIS B 47 15.63 6.61 -7.19
CA HIS B 47 16.21 7.46 -8.21
C HIS B 47 16.56 6.61 -9.41
N SER B 48 17.48 5.66 -9.22
CA SER B 48 17.87 4.71 -10.24
C SER B 48 17.11 3.41 -10.05
N ALA B 49 17.14 2.57 -11.08
CA ALA B 49 16.54 1.25 -10.99
C ALA B 49 17.35 0.27 -11.84
N TRP B 50 17.39 -0.98 -11.38
CA TRP B 50 18.06 -2.07 -12.09
C TRP B 50 17.10 -3.24 -12.18
N THR B 51 17.01 -3.83 -13.37
CA THR B 51 16.03 -4.88 -13.65
C THR B 51 16.70 -6.05 -14.35
N GLY B 52 16.35 -7.26 -13.93
CA GLY B 52 16.82 -8.46 -14.59
C GLY B 52 15.71 -9.46 -14.77
N THR B 53 15.59 -10.04 -15.96
CA THR B 53 14.65 -11.11 -16.22
C THR B 53 15.41 -12.43 -16.09
N VAL B 54 15.03 -13.23 -15.12
CA VAL B 54 15.69 -14.51 -14.84
C VAL B 54 14.86 -15.61 -15.50
N SER B 55 15.46 -16.31 -16.45
CA SER B 55 14.79 -17.39 -17.17
C SER B 55 14.96 -18.71 -16.42
N GLU B 56 14.09 -19.67 -16.73
CA GLU B 56 14.23 -21.01 -16.16
C GLU B 56 15.58 -21.62 -16.51
N SER B 57 16.12 -21.27 -17.69
CA SER B 57 17.45 -21.74 -18.05
C SER B 57 18.50 -21.21 -17.07
N GLU B 58 18.51 -19.90 -16.84
CA GLU B 58 19.46 -19.31 -15.91
C GLU B 58 19.30 -19.89 -14.51
N ILE B 59 18.06 -20.20 -14.11
CA ILE B 59 17.83 -20.83 -12.81
C ILE B 59 18.49 -22.21 -12.77
N SER B 60 18.29 -23.01 -13.82
CA SER B 60 18.86 -24.35 -13.84
C SER B 60 20.37 -24.31 -13.74
N GLN B 61 21.00 -23.31 -14.34
CA GLN B 61 22.46 -23.22 -14.32
C GLN B 61 22.99 -22.76 -12.97
N GLU B 62 22.19 -22.03 -12.19
CA GLU B 62 22.61 -21.62 -10.86
C GLU B 62 22.52 -22.78 -9.87
N ALA B 63 21.40 -23.51 -9.88
CA ALA B 63 21.26 -24.65 -8.99
C ALA B 63 22.25 -25.76 -9.32
N ASP B 64 22.74 -25.81 -10.55
CA ASP B 64 23.73 -26.83 -10.92
C ASP B 64 25.14 -26.42 -10.53
N ASP B 65 25.44 -25.13 -10.58
CA ASP B 65 26.78 -24.67 -10.23
C ASP B 65 27.07 -24.87 -8.75
N MET B 66 26.04 -24.85 -7.90
CA MET B 66 26.23 -25.01 -6.47
C MET B 66 25.75 -26.36 -5.94
N ALA B 67 25.18 -27.22 -6.79
CA ALA B 67 24.74 -28.55 -6.40
C ALA B 67 23.73 -28.47 -5.25
N MET B 68 22.55 -27.96 -5.58
CA MET B 68 21.44 -27.84 -4.63
C MET B 68 20.16 -28.35 -5.27
N GLU B 69 19.24 -28.81 -4.41
CA GLU B 69 17.95 -29.27 -4.87
C GLU B 69 17.13 -28.12 -5.44
N LYS B 70 16.40 -28.40 -6.51
CA LYS B 70 15.50 -27.40 -7.09
C LYS B 70 14.53 -26.87 -6.04
N GLY B 71 13.73 -27.77 -5.48
CA GLY B 71 12.71 -27.37 -4.53
C GLY B 71 13.24 -26.49 -3.40
N LYS B 72 14.33 -26.93 -2.77
CA LYS B 72 14.93 -26.11 -1.73
C LYS B 72 15.46 -24.80 -2.32
N TYR B 73 16.13 -24.86 -3.48
CA TYR B 73 16.65 -23.65 -4.10
C TYR B 73 15.53 -22.64 -4.35
N VAL B 74 14.51 -23.06 -5.09
CA VAL B 74 13.35 -22.19 -5.28
C VAL B 74 12.78 -21.80 -3.94
N GLY B 75 12.72 -22.75 -2.99
CA GLY B 75 12.21 -22.45 -1.67
C GLY B 75 12.99 -21.35 -0.96
N GLU B 76 14.32 -21.37 -1.09
CA GLU B 76 15.10 -20.25 -0.56
C GLU B 76 14.84 -18.99 -1.37
N LEU B 77 14.81 -19.09 -2.69
CA LEU B 77 14.40 -17.96 -3.51
C LEU B 77 13.05 -17.43 -3.04
N ARG B 78 12.05 -18.32 -3.00
CA ARG B 78 10.73 -17.94 -2.50
C ARG B 78 10.84 -17.36 -1.10
N LYS B 79 11.62 -18.00 -0.22
CA LYS B 79 11.76 -17.51 1.14
C LYS B 79 12.59 -16.23 1.20
N ALA B 80 13.49 -16.03 0.23
CA ALA B 80 14.41 -14.90 0.28
C ALA B 80 13.88 -13.68 -0.49
N LEU B 81 13.38 -13.89 -1.70
CA LEU B 81 13.04 -12.75 -2.56
C LEU B 81 11.76 -12.05 -2.11
N LEU B 82 10.83 -12.78 -1.47
CA LEU B 82 9.56 -12.21 -1.05
C LEU B 82 9.53 -11.82 0.43
N SER B 83 10.58 -12.15 1.18
CA SER B 83 10.68 -11.83 2.60
C SER B 83 9.43 -12.26 3.37
N VAL B 90 16.80 -14.33 8.52
CA VAL B 90 17.37 -13.02 8.23
C VAL B 90 18.36 -13.14 7.09
N TYR B 91 17.89 -12.89 5.88
CA TYR B 91 18.74 -12.95 4.69
C TYR B 91 19.50 -11.64 4.50
N THR B 92 20.67 -11.75 3.88
CA THR B 92 21.46 -10.58 3.50
C THR B 92 21.40 -10.43 1.99
N PHE B 93 21.51 -9.19 1.54
CA PHE B 93 21.36 -8.86 0.12
C PHE B 93 22.55 -8.05 -0.35
N ASN B 94 23.02 -8.37 -1.55
CA ASN B 94 24.23 -7.77 -2.10
C ASN B 94 23.97 -7.34 -3.53
N PHE B 95 24.56 -6.21 -3.90
CA PHE B 95 24.46 -5.72 -5.26
C PHE B 95 25.61 -4.77 -5.51
N SER B 96 26.35 -5.00 -6.59
CA SER B 96 27.40 -4.10 -7.03
C SER B 96 26.88 -3.28 -8.21
N LYS B 97 26.90 -1.95 -8.06
CA LYS B 97 26.40 -1.10 -9.12
C LYS B 97 27.35 -1.01 -10.31
N GLU B 98 28.58 -1.52 -10.19
CA GLU B 98 29.50 -1.55 -11.31
C GLU B 98 29.34 -2.83 -12.13
N SER B 99 29.35 -3.99 -11.46
CA SER B 99 29.12 -5.26 -12.15
C SER B 99 27.64 -5.59 -12.32
N CYS B 100 26.76 -4.97 -11.53
CA CYS B 100 25.31 -5.18 -11.63
C CYS B 100 24.92 -6.63 -11.37
N TYR B 101 25.68 -7.31 -10.52
CA TYR B 101 25.35 -8.66 -10.10
C TYR B 101 24.71 -8.62 -8.72
N PHE B 102 23.59 -9.30 -8.58
CA PHE B 102 22.82 -9.34 -7.34
C PHE B 102 22.89 -10.75 -6.77
N PHE B 103 23.04 -10.85 -5.45
CA PHE B 103 22.96 -12.14 -4.81
C PHE B 103 22.66 -11.94 -3.34
N PHE B 104 22.12 -12.99 -2.72
CA PHE B 104 21.82 -12.97 -1.31
C PHE B 104 22.35 -14.26 -0.69
N GLU B 105 22.55 -14.21 0.62
CA GLU B 105 23.05 -15.34 1.38
C GLU B 105 22.04 -15.71 2.45
N LYS B 106 21.95 -17.00 2.73
CA LYS B 106 21.19 -17.50 3.87
C LYS B 106 22.16 -17.64 5.04
N ASN B 107 21.92 -16.88 6.10
CA ASN B 107 22.79 -16.88 7.28
C ASN B 107 22.22 -17.77 8.36
N LEU B 108 23.11 -18.42 9.11
CA LEU B 108 22.72 -19.33 10.17
C LEU B 108 23.95 -19.71 10.98
N LYS B 109 23.96 -19.38 12.28
CA LYS B 109 25.05 -19.78 13.17
C LYS B 109 26.36 -19.11 12.76
N ASP B 110 26.28 -17.86 12.32
CA ASP B 110 27.43 -17.12 11.79
C ASP B 110 28.02 -17.79 10.55
N VAL B 111 27.28 -18.71 9.94
CA VAL B 111 27.69 -19.40 8.73
C VAL B 111 26.71 -19.05 7.63
N SER B 112 27.23 -18.82 6.42
CA SER B 112 26.40 -18.39 5.32
C SER B 112 26.88 -19.02 4.02
N PHE B 113 25.95 -19.18 3.07
CA PHE B 113 26.29 -19.59 1.73
C PHE B 113 25.37 -18.88 0.76
N ARG B 114 25.81 -18.76 -0.48
CA ARG B 114 25.09 -18.02 -1.51
C ARG B 114 24.11 -18.93 -2.24
N LEU B 115 23.11 -18.29 -2.84
CA LEU B 115 22.13 -19.01 -3.65
C LEU B 115 22.17 -18.51 -5.10
N GLY B 116 23.36 -18.39 -5.66
CA GLY B 116 23.52 -17.92 -7.02
C GLY B 116 23.47 -16.41 -7.13
N SER B 117 23.83 -15.92 -8.30
CA SER B 117 23.85 -14.49 -8.58
C SER B 117 23.04 -14.21 -9.84
N PHE B 118 22.49 -13.00 -9.92
CA PHE B 118 21.70 -12.57 -11.06
C PHE B 118 22.16 -11.19 -11.51
N ASN B 119 22.12 -10.97 -12.83
CA ASN B 119 22.55 -9.71 -13.42
C ASN B 119 21.34 -8.79 -13.58
N LEU B 120 21.43 -7.59 -13.00
CA LEU B 120 20.35 -6.60 -13.03
C LEU B 120 20.80 -5.39 -13.84
N GLU B 121 20.40 -5.34 -15.11
CA GLU B 121 20.82 -4.25 -15.99
C GLU B 121 20.15 -2.94 -15.57
N LYS B 122 20.94 -1.87 -15.56
CA LYS B 122 20.42 -0.55 -15.21
C LYS B 122 19.38 -0.12 -16.23
N VAL B 123 18.25 0.42 -15.74
CA VAL B 123 17.14 0.76 -16.62
C VAL B 123 17.34 2.18 -17.16
N GLU B 124 16.99 2.37 -18.43
CA GLU B 124 17.20 3.67 -19.08
C GLU B 124 16.32 4.75 -18.48
N ASN B 125 15.04 4.44 -18.23
CA ASN B 125 14.05 5.40 -17.76
C ASN B 125 13.54 4.91 -16.39
N PRO B 126 14.34 5.11 -15.33
CA PRO B 126 13.93 4.59 -14.03
C PRO B 126 12.67 5.22 -13.48
N ALA B 127 12.34 6.45 -13.90
CA ALA B 127 11.15 7.10 -13.35
C ALA B 127 9.89 6.31 -13.71
N GLU B 128 9.86 5.70 -14.90
CA GLU B 128 8.72 4.88 -15.30
C GLU B 128 8.49 3.75 -14.31
N VAL B 129 9.58 3.08 -13.90
CA VAL B 129 9.46 1.94 -12.98
C VAL B 129 8.97 2.42 -11.61
N ILE B 130 9.56 3.51 -11.12
CA ILE B 130 9.16 4.08 -9.83
C ILE B 130 7.69 4.49 -9.87
N ARG B 131 7.30 5.22 -10.91
CA ARG B 131 5.89 5.60 -11.05
C ARG B 131 4.98 4.39 -11.01
N GLU B 132 5.33 3.34 -11.76
CA GLU B 132 4.51 2.15 -11.80
C GLU B 132 4.42 1.49 -10.42
N LEU B 133 5.55 1.44 -9.70
CA LEU B 133 5.57 0.84 -8.37
C LEU B 133 4.66 1.58 -7.40
N ILE B 134 4.72 2.92 -7.42
CA ILE B 134 3.87 3.70 -6.53
C ILE B 134 2.40 3.53 -6.91
N CYS B 135 2.09 3.61 -8.21
CA CYS B 135 0.72 3.38 -8.65
C CYS B 135 0.22 2.02 -8.17
N TYR B 136 1.06 0.98 -8.29
CA TYR B 136 0.65 -0.35 -7.83
C TYR B 136 0.27 -0.30 -6.36
N CYS B 137 1.11 0.36 -5.56
CA CYS B 137 0.85 0.41 -4.12
C CYS B 137 -0.43 1.17 -3.81
N LEU B 138 -0.66 2.28 -4.51
CA LEU B 138 -1.87 3.07 -4.26
C LEU B 138 -3.10 2.30 -4.67
N ASP B 139 -3.04 1.57 -5.79
CA ASP B 139 -4.13 0.70 -6.20
C ASP B 139 -4.38 -0.41 -5.18
N GLU B 140 -3.30 -0.98 -4.64
CA GLU B 140 -3.45 -2.03 -3.63
C GLU B 140 -4.14 -1.47 -2.40
N ILE B 141 -3.73 -0.29 -1.94
CA ILE B 141 -4.38 0.33 -0.79
C ILE B 141 -5.87 0.51 -1.05
N LYS B 142 -6.21 1.03 -2.23
CA LYS B 142 -7.62 1.18 -2.59
C LYS B 142 -8.37 -0.16 -2.51
N SER B 143 -7.78 -1.22 -3.08
CA SER B 143 -8.45 -2.52 -3.09
C SER B 143 -8.65 -3.06 -1.68
N LEU B 144 -7.64 -2.90 -0.82
CA LEU B 144 -7.73 -3.44 0.53
C LEU B 144 -8.76 -2.68 1.36
N LYS B 145 -8.82 -1.36 1.23
CA LYS B 145 -9.85 -0.60 1.93
C LYS B 145 -11.24 -1.05 1.48
N HIS B 146 -11.44 -1.24 0.18
CA HIS B 146 -12.71 -1.73 -0.31
C HIS B 146 -13.06 -3.09 0.30
N GLU B 147 -12.10 -4.01 0.32
CA GLU B 147 -12.32 -5.33 0.91
C GLU B 147 -12.68 -5.21 2.38
N ILE B 148 -12.03 -4.30 3.10
CA ILE B 148 -12.26 -4.12 4.53
C ILE B 148 -13.69 -3.66 4.78
N LYS B 149 -14.21 -2.78 3.92
CA LYS B 149 -15.57 -2.29 4.11
C LYS B 149 -16.58 -3.44 4.05
N GLU B 150 -16.43 -4.34 3.07
CA GLU B 150 -17.34 -5.48 2.98
C GLU B 150 -17.15 -6.42 4.17
N LEU B 151 -15.91 -6.62 4.59
CA LEU B 151 -15.64 -7.57 5.66
C LEU B 151 -16.15 -7.06 7.01
N ARG B 152 -16.02 -5.76 7.27
CA ARG B 152 -16.60 -5.18 8.46
C ARG B 152 -18.09 -5.49 8.54
N LYS B 153 -18.83 -5.16 7.48
CA LYS B 153 -20.26 -5.44 7.45
C LYS B 153 -20.53 -6.92 7.65
N GLU B 154 -19.78 -7.78 6.96
CA GLU B 154 -20.02 -9.21 7.09
C GLU B 154 -19.75 -9.67 8.52
N LYS B 155 -18.68 -9.16 9.12
CA LYS B 155 -18.37 -9.54 10.49
C LYS B 155 -19.50 -9.12 11.43
N ASN B 156 -19.99 -7.89 11.29
CA ASN B 156 -21.08 -7.43 12.14
C ASN B 156 -22.34 -8.26 11.94
N ASP B 157 -22.68 -8.56 10.68
CA ASP B 157 -23.84 -9.41 10.42
C ASP B 157 -23.69 -10.77 11.11
N THR B 158 -22.51 -11.37 11.03
CA THR B 158 -22.29 -12.69 11.61
C THR B 158 -22.41 -12.66 13.12
N LEU B 159 -21.88 -11.62 13.76
CA LEU B 159 -22.03 -11.48 15.21
C LEU B 159 -23.50 -11.30 15.59
N ASN B 160 -24.24 -10.51 14.81
CA ASN B 160 -25.66 -10.33 15.08
C ASN B 160 -26.42 -11.65 14.94
N ASN B 161 -26.09 -12.44 13.92
CA ASN B 161 -26.76 -13.72 13.71
C ASN B 161 -26.45 -14.69 14.84
N TYR B 162 -25.22 -14.67 15.35
CA TYR B 162 -24.88 -15.52 16.49
C TYR B 162 -25.70 -15.14 17.72
N ASP B 163 -25.79 -13.84 18.02
CA ASP B 163 -26.63 -13.39 19.13
C ASP B 163 -28.07 -13.86 18.98
N THR B 164 -28.61 -13.77 17.77
CA THR B 164 -29.98 -14.22 17.53
C THR B 164 -30.13 -15.69 17.86
N LEU B 165 -29.19 -16.50 17.39
CA LEU B 165 -29.27 -17.94 17.61
C LEU B 165 -29.15 -18.27 19.10
N GLU B 166 -28.29 -17.55 19.82
CA GLU B 166 -28.15 -17.78 21.25
C GLU B 166 -29.47 -17.49 21.96
N GLU B 167 -30.13 -16.39 21.59
CA GLU B 167 -31.43 -16.06 22.17
C GLU B 167 -32.49 -17.09 21.78
N GLU B 168 -32.51 -17.49 20.51
CA GLU B 168 -33.43 -18.54 20.06
C GLU B 168 -33.20 -19.85 20.80
N THR B 169 -31.94 -20.22 21.01
CA THR B 169 -31.64 -21.48 21.68
C THR B 169 -32.00 -21.41 23.16
N ASP B 170 -31.74 -20.28 23.81
CA ASP B 170 -32.17 -20.07 25.18
C ASP B 170 -33.69 -20.22 25.31
N ASP B 171 -34.45 -19.67 24.35
CA ASP B 171 -35.91 -19.81 24.38
C ASP B 171 -36.32 -21.28 24.34
N LEU B 172 -35.65 -22.08 23.52
CA LEU B 172 -36.00 -23.50 23.45
C LEU B 172 -35.73 -24.19 24.78
N LYS B 173 -34.55 -23.95 25.36
CA LYS B 173 -34.24 -24.57 26.64
C LYS B 173 -35.22 -24.14 27.71
N ASN B 174 -35.62 -22.86 27.70
CA ASN B 174 -36.60 -22.40 28.69
C ASN B 174 -37.92 -23.12 28.50
N ARG B 175 -38.32 -23.34 27.25
CA ARG B 175 -39.59 -24.01 27.01
C ARG B 175 -39.53 -25.48 27.43
N LEU B 176 -38.38 -26.13 27.23
CA LEU B 176 -38.24 -27.51 27.66
C LEU B 176 -38.33 -27.61 29.18
N GLN B 177 -37.68 -26.68 29.89
CA GLN B 177 -37.64 -26.74 31.34
C GLN B 177 -38.98 -26.35 31.95
N ALA B 178 -39.67 -25.37 31.35
CA ALA B 178 -41.03 -25.05 31.79
C ALA B 178 -41.99 -26.21 31.49
N LEU B 179 -41.80 -26.85 30.34
CA LEU B 179 -42.61 -28.02 30.01
C LEU B 179 -42.46 -29.10 31.07
N GLU B 180 -41.23 -29.39 31.47
CA GLU B 180 -40.98 -30.43 32.48
C GLU B 180 -41.82 -30.21 33.73
N LYS B 181 -41.99 -28.95 34.14
CA LYS B 181 -42.69 -28.63 35.38
C LYS B 181 -44.11 -28.14 35.10
#